data_3HO9
#
_entry.id   3HO9
#
_cell.length_a   76.402
_cell.length_b   76.402
_cell.length_c   144.449
_cell.angle_alpha   90.000
_cell.angle_beta   90.000
_cell.angle_gamma   120.000
#
_symmetry.space_group_name_H-M   'P 31 2 1'
#
loop_
_entity.id
_entity.type
_entity.pdbx_description
1 polymer '3-oxoacyl-[acyl-carrier-protein] synthase 2'
2 non-polymer '2,4-dihydroxy-3-({3-[(2R,4aR,8S,8aR,9R)-9-hydroxy-8-methyl-3-methylidene-7-oxo-1,3,4,7,8,8a-hexahydro-2H-2,4a-ethanonap hthalen-8-yl]propanoyl}amino)benzoic acid'
3 water water
#
_entity_poly.entity_id   1
_entity_poly.type   'polypeptide(L)'
_entity_poly.pdbx_seq_one_letter_code
;MRGSHHHHHHGSACVSKRRVVVTGLGMLSPVGNTVESTWKALLAGQSGISLIDHFDTSAYATKFAGLVKDFNCEDIISRK
EQRKMDAFIQYGIVAGVQAMQDSGLEITEENATRIGAAIGSGIGGLGLIEENHTSLMNGGPRKISPFFVPSTIVNMVAGH
LTIMYGLRGPSISIATAATSGVHNIGHAARIIAYGDADVMVAGGAEKASTPLGVGGFGAARALSTRNDNPQAASRPWDKE
RDGFVLGDGAGMLVLEEYEHAKKRGAKIYAELVGFGMSSDAYHMTSPPENGAGAALAMANALRDAGIEASQIGYVNAHGT
STPAGDKAEAQAVKTIFGEAASRVLVSSTKSMTGHLLGAAGAVESIYSILALRDQAVPPTINLDNPDEGCDLDFVPHEAR
QVSGMEYTLCNSFGFGGTNGSLIFKKI
;
_entity_poly.pdbx_strand_id   A
#
# COMPACT_ATOMS: atom_id res chain seq x y z
N LYS A 17 2.20 -7.73 28.06
CA LYS A 17 1.98 -6.88 26.89
C LYS A 17 2.41 -7.65 25.63
N ARG A 18 1.48 -7.83 24.71
CA ARG A 18 1.74 -8.62 23.51
C ARG A 18 2.37 -7.84 22.37
N ARG A 19 3.57 -8.29 21.95
CA ARG A 19 4.29 -7.66 20.86
C ARG A 19 3.87 -8.29 19.54
N VAL A 20 3.91 -7.52 18.46
CA VAL A 20 3.50 -7.98 17.14
C VAL A 20 4.67 -7.95 16.17
N VAL A 21 4.92 -9.06 15.49
CA VAL A 21 6.01 -9.15 14.51
C VAL A 21 5.47 -9.58 13.14
N VAL A 22 6.30 -9.41 12.12
CA VAL A 22 5.97 -9.77 10.75
C VAL A 22 6.68 -11.07 10.38
N THR A 23 5.91 -12.10 10.03
CA THR A 23 6.44 -13.42 9.73
C THR A 23 6.22 -13.91 8.32
N GLY A 24 5.56 -13.11 7.50
CA GLY A 24 5.32 -13.53 6.11
C GLY A 24 5.00 -12.32 5.25
N LEU A 25 5.41 -12.37 3.98
CA LEU A 25 5.21 -11.28 3.02
C LEU A 25 4.71 -11.82 1.70
N GLY A 26 3.84 -11.06 1.04
CA GLY A 26 3.29 -11.42 -0.27
C GLY A 26 3.07 -10.14 -1.07
N MET A 27 3.25 -10.17 -2.38
CA MET A 27 3.11 -8.91 -3.14
C MET A 27 3.08 -9.08 -4.63
N LEU A 28 2.26 -8.26 -5.27
CA LEU A 28 2.20 -8.15 -6.73
C LEU A 28 2.33 -6.64 -6.95
N SER A 29 3.21 -6.22 -7.85
CA SER A 29 3.37 -4.78 -8.12
C SER A 29 3.73 -4.52 -9.57
N PRO A 30 3.76 -3.24 -9.97
CA PRO A 30 4.12 -2.94 -11.36
C PRO A 30 5.60 -3.25 -11.71
N VAL A 31 6.41 -3.56 -10.70
CA VAL A 31 7.86 -3.85 -10.94
C VAL A 31 8.20 -5.30 -10.59
N GLY A 32 7.20 -6.10 -10.25
CA GLY A 32 7.45 -7.49 -9.93
C GLY A 32 6.27 -8.25 -9.34
N ASN A 33 6.23 -9.54 -9.62
CA ASN A 33 5.16 -10.40 -9.14
C ASN A 33 5.50 -11.23 -7.90
N THR A 34 6.58 -10.86 -7.22
CA THR A 34 6.98 -11.47 -5.96
C THR A 34 7.57 -10.37 -5.09
N VAL A 35 7.77 -10.68 -3.82
CA VAL A 35 8.34 -9.73 -2.86
C VAL A 35 9.80 -9.38 -3.24
N GLU A 36 10.61 -10.41 -3.45
CA GLU A 36 12.01 -10.16 -3.79
C GLU A 36 12.27 -9.54 -5.15
N SER A 37 11.49 -9.91 -6.17
CA SER A 37 11.70 -9.33 -7.49
C SER A 37 11.30 -7.86 -7.47
N THR A 38 10.23 -7.55 -6.75
CA THR A 38 9.79 -6.16 -6.62
C THR A 38 10.88 -5.34 -5.90
N TRP A 39 11.37 -5.86 -4.77
CA TRP A 39 12.37 -5.14 -4.00
C TRP A 39 13.67 -4.92 -4.81
N LYS A 40 14.09 -5.94 -5.54
CA LYS A 40 15.31 -5.81 -6.34
C LYS A 40 15.17 -4.68 -7.40
N ALA A 41 14.00 -4.63 -8.04
CA ALA A 41 13.72 -3.62 -9.04
C ALA A 41 13.72 -2.22 -8.46
N LEU A 42 13.17 -2.06 -7.24
CA LEU A 42 13.09 -0.76 -6.57
C LEU A 42 14.47 -0.26 -6.16
N LEU A 43 15.28 -1.16 -5.60
CA LEU A 43 16.65 -0.75 -5.24
C LEU A 43 17.44 -0.37 -6.51
N ALA A 44 17.08 -0.94 -7.66
CA ALA A 44 17.72 -0.63 -8.94
C ALA A 44 17.13 0.62 -9.63
N GLY A 45 16.16 1.27 -9.00
CA GLY A 45 15.49 2.47 -9.53
C GLY A 45 14.67 2.26 -10.80
N GLN A 46 14.15 1.05 -10.99
CA GLN A 46 13.37 0.72 -12.20
C GLN A 46 11.91 1.16 -12.12
N SER A 47 11.41 1.73 -13.20
CA SER A 47 10.02 2.20 -13.24
C SER A 47 9.11 1.07 -13.71
N GLY A 48 7.89 1.01 -13.20
CA GLY A 48 7.00 -0.05 -13.66
C GLY A 48 5.83 0.54 -14.46
N ILE A 49 5.97 1.80 -14.85
CA ILE A 49 4.92 2.53 -15.59
C ILE A 49 4.97 2.31 -17.12
N SER A 50 3.81 2.09 -17.75
CA SER A 50 3.76 1.92 -19.20
C SER A 50 2.41 2.35 -19.76
N LEU A 51 2.32 2.38 -21.08
CA LEU A 51 1.07 2.75 -21.73
C LEU A 51 0.02 1.67 -21.53
N ILE A 52 -1.21 2.11 -21.29
CA ILE A 52 -2.30 1.18 -21.11
C ILE A 52 -2.68 0.63 -22.50
N ASP A 53 -2.95 -0.66 -22.58
CA ASP A 53 -3.37 -1.25 -23.83
C ASP A 53 -4.63 -2.10 -23.72
N HIS A 54 -5.17 -2.26 -22.51
CA HIS A 54 -6.37 -3.09 -22.32
C HIS A 54 -7.72 -2.41 -22.56
N PHE A 55 -7.70 -1.10 -22.74
CA PHE A 55 -8.88 -0.32 -23.13
C PHE A 55 -8.39 0.81 -24.06
N ASP A 56 -9.27 1.32 -24.91
CA ASP A 56 -8.91 2.39 -25.84
C ASP A 56 -8.79 3.72 -25.10
N THR A 57 -7.56 4.24 -25.02
CA THR A 57 -7.27 5.46 -24.28
C THR A 57 -7.33 6.72 -25.15
N SER A 58 -7.77 6.60 -26.41
CA SER A 58 -7.83 7.78 -27.30
C SER A 58 -8.42 9.03 -26.67
N ALA A 59 -9.56 8.90 -26.02
CA ALA A 59 -10.24 10.06 -25.44
C ALA A 59 -9.79 10.45 -24.03
N TYR A 60 -8.88 9.67 -23.45
CA TYR A 60 -8.38 9.92 -22.08
C TYR A 60 -7.20 10.84 -21.98
N ALA A 61 -7.26 11.77 -21.02
CA ALA A 61 -6.16 12.69 -20.84
C ALA A 61 -4.90 11.97 -20.33
N THR A 62 -5.09 10.87 -19.61
CA THR A 62 -3.98 10.07 -19.06
C THR A 62 -4.05 8.71 -19.72
N LYS A 63 -2.93 8.28 -20.31
CA LYS A 63 -2.97 7.03 -21.08
C LYS A 63 -2.01 5.96 -20.62
N PHE A 64 -1.49 6.10 -19.40
CA PHE A 64 -0.53 5.13 -18.86
C PHE A 64 -0.84 4.87 -17.37
N ALA A 65 -0.23 3.83 -16.83
CA ALA A 65 -0.40 3.45 -15.43
C ALA A 65 0.67 2.41 -15.07
N GLY A 66 0.75 2.03 -13.80
CA GLY A 66 1.62 0.97 -13.32
C GLY A 66 0.79 -0.32 -13.31
N LEU A 67 0.98 -1.15 -14.33
CA LEU A 67 0.22 -2.39 -14.48
C LEU A 67 0.98 -3.60 -13.97
N VAL A 68 0.25 -4.62 -13.52
CA VAL A 68 0.85 -5.88 -13.09
C VAL A 68 1.07 -6.61 -14.42
N LYS A 69 2.31 -7.00 -14.69
CA LYS A 69 2.62 -7.69 -15.95
C LYS A 69 2.42 -9.19 -15.82
N ASP A 70 1.77 -9.81 -16.80
CA ASP A 70 1.58 -11.26 -16.83
C ASP A 70 1.08 -11.89 -15.53
N PHE A 71 0.05 -11.33 -14.93
CA PHE A 71 -0.52 -11.89 -13.69
C PHE A 71 -0.91 -13.33 -13.98
N ASN A 72 -0.62 -14.23 -13.05
CA ASN A 72 -0.94 -15.66 -13.22
C ASN A 72 -1.53 -16.23 -11.93
N CYS A 73 -2.74 -16.77 -11.96
CA CYS A 73 -3.27 -17.35 -10.72
C CYS A 73 -3.66 -18.80 -10.98
N GLU A 74 -3.21 -19.33 -12.12
CA GLU A 74 -3.55 -20.70 -12.52
C GLU A 74 -3.51 -21.81 -11.48
N ASP A 75 -2.44 -21.87 -10.71
CA ASP A 75 -2.34 -22.93 -9.69
C ASP A 75 -2.87 -22.49 -8.31
N ILE A 76 -3.46 -21.30 -8.25
CA ILE A 76 -3.91 -20.72 -6.98
C ILE A 76 -5.42 -20.56 -6.85
N ILE A 77 -6.05 -20.08 -7.92
CA ILE A 77 -7.49 -19.89 -7.94
C ILE A 77 -8.05 -20.74 -9.06
N SER A 78 -9.04 -21.59 -8.75
CA SER A 78 -9.68 -22.46 -9.75
C SER A 78 -10.43 -21.67 -10.81
N ARG A 79 -10.63 -22.27 -11.98
CA ARG A 79 -11.35 -21.58 -13.06
C ARG A 79 -12.76 -21.21 -12.62
N LYS A 80 -13.39 -22.09 -11.86
CA LYS A 80 -14.74 -21.82 -11.39
C LYS A 80 -14.79 -20.62 -10.44
N GLU A 81 -13.77 -20.48 -9.60
CA GLU A 81 -13.74 -19.35 -8.66
C GLU A 81 -13.28 -18.03 -9.30
N GLN A 82 -12.36 -18.09 -10.26
CA GLN A 82 -11.89 -16.86 -10.91
C GLN A 82 -13.02 -16.02 -11.49
N ARG A 83 -13.99 -16.67 -12.14
CA ARG A 83 -15.07 -15.92 -12.75
C ARG A 83 -15.98 -15.19 -11.78
N LYS A 84 -15.84 -15.46 -10.50
CA LYS A 84 -16.66 -14.80 -9.48
C LYS A 84 -15.93 -13.60 -8.84
N MET A 85 -14.78 -13.22 -9.37
CA MET A 85 -13.94 -12.18 -8.75
C MET A 85 -13.41 -11.11 -9.66
N ASP A 86 -13.47 -9.85 -9.22
CA ASP A 86 -12.88 -8.77 -10.01
C ASP A 86 -11.37 -8.99 -9.91
N ALA A 87 -10.61 -8.37 -10.80
CA ALA A 87 -9.15 -8.48 -10.77
C ALA A 87 -8.56 -8.10 -9.41
N PHE A 88 -9.08 -7.07 -8.74
CA PHE A 88 -8.49 -6.69 -7.44
C PHE A 88 -8.53 -7.81 -6.44
N ILE A 89 -9.59 -8.59 -6.46
CA ILE A 89 -9.70 -9.72 -5.52
C ILE A 89 -8.69 -10.82 -5.93
N GLN A 90 -8.57 -11.06 -7.23
CA GLN A 90 -7.62 -12.10 -7.69
C GLN A 90 -6.19 -11.70 -7.27
N TYR A 91 -5.85 -10.42 -7.40
CA TYR A 91 -4.52 -9.96 -6.98
C TYR A 91 -4.38 -10.13 -5.48
N GLY A 92 -5.39 -9.70 -4.73
CA GLY A 92 -5.30 -9.82 -3.28
C GLY A 92 -5.12 -11.27 -2.82
N ILE A 93 -5.88 -12.18 -3.45
CA ILE A 93 -5.76 -13.60 -3.08
C ILE A 93 -4.36 -14.14 -3.36
N VAL A 94 -3.84 -13.88 -4.55
CA VAL A 94 -2.50 -14.37 -4.91
C VAL A 94 -1.45 -13.84 -3.94
N ALA A 95 -1.47 -12.54 -3.64
CA ALA A 95 -0.52 -11.99 -2.67
C ALA A 95 -0.73 -12.57 -1.25
N GLY A 96 -1.97 -12.83 -0.85
CA GLY A 96 -2.24 -13.40 0.45
C GLY A 96 -1.69 -14.83 0.57
N VAL A 97 -1.89 -15.61 -0.49
CA VAL A 97 -1.36 -16.98 -0.52
C VAL A 97 0.19 -16.90 -0.42
N GLN A 98 0.81 -15.97 -1.16
CA GLN A 98 2.27 -15.82 -1.09
C GLN A 98 2.69 -15.59 0.36
N ALA A 99 1.97 -14.70 1.06
CA ALA A 99 2.30 -14.38 2.44
C ALA A 99 2.09 -15.56 3.38
N MET A 100 0.97 -16.25 3.24
CA MET A 100 0.67 -17.41 4.10
C MET A 100 1.76 -18.50 3.89
N GLN A 101 2.13 -18.73 2.63
CA GLN A 101 3.14 -19.74 2.32
C GLN A 101 4.49 -19.33 2.87
N ASP A 102 4.83 -18.07 2.71
CA ASP A 102 6.09 -17.54 3.22
C ASP A 102 6.17 -17.70 4.73
N SER A 103 5.04 -17.54 5.42
CA SER A 103 5.06 -17.63 6.88
C SER A 103 5.35 -19.03 7.42
N GLY A 104 5.04 -20.05 6.65
CA GLY A 104 5.26 -21.43 7.10
C GLY A 104 4.21 -21.88 8.12
N LEU A 105 3.20 -21.03 8.36
CA LEU A 105 2.16 -21.34 9.37
C LEU A 105 1.29 -22.51 8.95
N GLU A 106 0.94 -23.35 9.90
CA GLU A 106 0.07 -24.48 9.62
C GLU A 106 -1.24 -24.30 10.39
N ILE A 107 -2.36 -24.27 9.67
CA ILE A 107 -3.65 -24.06 10.29
C ILE A 107 -4.20 -25.39 10.79
N THR A 108 -4.67 -25.40 12.03
CA THR A 108 -5.23 -26.59 12.64
C THR A 108 -6.58 -26.25 13.27
N GLU A 109 -7.31 -27.29 13.64
CA GLU A 109 -8.59 -27.13 14.29
C GLU A 109 -8.37 -26.29 15.54
N GLU A 110 -7.23 -26.52 16.18
CA GLU A 110 -6.89 -25.82 17.41
C GLU A 110 -6.54 -24.32 17.31
N ASN A 111 -5.90 -23.90 16.22
CA ASN A 111 -5.57 -22.49 16.11
C ASN A 111 -6.42 -21.70 15.11
N ALA A 112 -7.32 -22.37 14.39
CA ALA A 112 -8.10 -21.74 13.33
C ALA A 112 -8.86 -20.52 13.83
N THR A 113 -9.31 -20.65 15.06
CA THR A 113 -10.10 -19.65 15.74
C THR A 113 -9.28 -18.41 16.14
N ARG A 114 -7.96 -18.54 16.09
CA ARG A 114 -7.04 -17.49 16.51
C ARG A 114 -6.34 -16.79 15.33
N ILE A 115 -6.73 -17.15 14.11
CA ILE A 115 -6.13 -16.59 12.88
C ILE A 115 -7.21 -15.91 12.07
N GLY A 116 -6.99 -14.65 11.71
CA GLY A 116 -7.95 -13.87 10.94
C GLY A 116 -7.31 -13.02 9.85
N ALA A 117 -8.05 -12.01 9.40
CA ALA A 117 -7.59 -11.16 8.30
C ALA A 117 -8.09 -9.71 8.43
N ALA A 118 -7.29 -8.74 7.98
CA ALA A 118 -7.70 -7.32 7.93
C ALA A 118 -7.16 -6.89 6.57
N ILE A 119 -8.02 -6.98 5.56
CA ILE A 119 -7.63 -6.65 4.19
C ILE A 119 -8.67 -5.78 3.51
N GLY A 120 -8.22 -4.68 2.94
CA GLY A 120 -9.12 -3.76 2.27
C GLY A 120 -8.67 -3.33 0.88
N SER A 121 -9.36 -2.32 0.36
CA SER A 121 -9.12 -1.76 -0.97
C SER A 121 -9.78 -0.37 -0.93
N GLY A 122 -9.27 0.58 -1.72
CA GLY A 122 -9.82 1.93 -1.72
C GLY A 122 -11.09 2.03 -2.56
N ILE A 123 -11.08 1.42 -3.74
CA ILE A 123 -12.20 1.51 -4.69
C ILE A 123 -12.85 0.20 -5.05
N GLY A 124 -12.16 -0.91 -4.84
CA GLY A 124 -12.81 -2.18 -5.13
C GLY A 124 -12.94 -2.53 -6.60
N GLY A 125 -13.93 -3.37 -6.90
CA GLY A 125 -14.11 -3.92 -8.25
C GLY A 125 -14.62 -3.08 -9.39
N LEU A 126 -13.92 -2.00 -9.75
CA LEU A 126 -14.35 -1.17 -10.87
C LEU A 126 -14.55 -1.93 -12.17
N GLY A 127 -13.65 -2.86 -12.47
CA GLY A 127 -13.80 -3.60 -13.71
C GLY A 127 -15.13 -4.32 -13.85
N LEU A 128 -15.56 -5.02 -12.80
CA LEU A 128 -16.82 -5.77 -12.88
C LEU A 128 -18.04 -4.88 -12.61
N ILE A 129 -17.83 -3.73 -11.97
CA ILE A 129 -18.92 -2.76 -11.81
C ILE A 129 -19.26 -2.27 -13.23
N GLU A 130 -18.22 -1.91 -13.99
CA GLU A 130 -18.41 -1.44 -15.38
C GLU A 130 -19.05 -2.50 -16.25
N GLU A 131 -18.60 -3.73 -16.12
CA GLU A 131 -19.14 -4.82 -16.93
C GLU A 131 -20.62 -5.05 -16.61
N ASN A 132 -20.96 -5.06 -15.33
CA ASN A 132 -22.34 -5.29 -14.92
C ASN A 132 -23.24 -4.13 -15.29
N HIS A 133 -22.74 -2.91 -15.13
CA HIS A 133 -23.56 -1.76 -15.45
C HIS A 133 -23.79 -1.68 -16.96
N THR A 134 -22.74 -1.99 -17.73
CA THR A 134 -22.84 -2.00 -19.20
C THR A 134 -23.93 -3.00 -19.61
N SER A 135 -23.90 -4.17 -18.96
CA SER A 135 -24.87 -5.22 -19.25
C SER A 135 -26.30 -4.74 -18.93
N LEU A 136 -26.45 -4.08 -17.78
CA LEU A 136 -27.75 -3.56 -17.38
C LEU A 136 -28.23 -2.52 -18.39
N MET A 137 -27.35 -1.62 -18.83
CA MET A 137 -27.74 -0.61 -19.78
C MET A 137 -28.16 -1.21 -21.12
N ASN A 138 -27.47 -2.27 -21.53
CA ASN A 138 -27.70 -2.90 -22.82
C ASN A 138 -28.88 -3.85 -22.85
N GLY A 139 -29.11 -4.59 -21.77
CA GLY A 139 -30.19 -5.57 -21.77
C GLY A 139 -31.06 -5.72 -20.54
N GLY A 140 -31.04 -4.73 -19.65
CA GLY A 140 -31.85 -4.80 -18.45
C GLY A 140 -31.23 -5.59 -17.32
N PRO A 141 -31.88 -5.58 -16.14
CA PRO A 141 -31.43 -6.26 -14.93
C PRO A 141 -31.26 -7.76 -15.10
N ARG A 142 -31.93 -8.33 -16.10
CA ARG A 142 -31.81 -9.77 -16.32
C ARG A 142 -30.38 -10.15 -16.71
N LYS A 143 -29.65 -9.15 -17.21
CA LYS A 143 -28.28 -9.35 -17.66
C LYS A 143 -27.20 -9.11 -16.58
N ILE A 144 -27.62 -8.68 -15.39
CA ILE A 144 -26.64 -8.47 -14.31
C ILE A 144 -26.19 -9.85 -13.85
N SER A 145 -24.91 -10.03 -13.54
CA SER A 145 -24.40 -11.33 -13.08
C SER A 145 -24.80 -11.64 -11.64
N PRO A 146 -25.09 -12.91 -11.34
CA PRO A 146 -25.44 -13.26 -9.97
C PRO A 146 -24.27 -12.92 -9.05
N PHE A 147 -23.08 -12.83 -9.63
CA PHE A 147 -21.89 -12.53 -8.84
C PHE A 147 -21.57 -11.07 -8.66
N PHE A 148 -22.39 -10.17 -9.20
CA PHE A 148 -22.12 -8.76 -9.10
C PHE A 148 -21.63 -8.28 -7.73
N VAL A 149 -22.46 -8.46 -6.71
CA VAL A 149 -22.08 -7.99 -5.38
C VAL A 149 -20.81 -8.62 -4.81
N PRO A 150 -20.78 -9.95 -4.67
CA PRO A 150 -19.57 -10.56 -4.07
C PRO A 150 -18.30 -10.50 -4.93
N SER A 151 -18.45 -10.10 -6.19
CA SER A 151 -17.30 -10.00 -7.09
C SER A 151 -16.69 -8.60 -7.04
N THR A 152 -17.39 -7.65 -6.41
CA THR A 152 -16.95 -6.25 -6.40
C THR A 152 -16.64 -5.57 -5.09
N ILE A 153 -17.36 -5.95 -4.03
CA ILE A 153 -17.22 -5.30 -2.72
C ILE A 153 -15.87 -5.49 -2.06
N VAL A 154 -15.44 -4.44 -1.34
CA VAL A 154 -14.09 -4.37 -0.82
C VAL A 154 -13.63 -5.47 0.11
N ASN A 155 -14.56 -6.06 0.85
CA ASN A 155 -14.16 -7.07 1.83
C ASN A 155 -14.00 -8.49 1.28
N MET A 156 -14.11 -8.67 -0.04
CA MET A 156 -14.07 -10.02 -0.62
C MET A 156 -12.70 -10.70 -0.66
N VAL A 157 -11.61 -9.92 -0.56
CA VAL A 157 -10.28 -10.55 -0.50
C VAL A 157 -10.19 -11.30 0.84
N ALA A 158 -10.54 -10.62 1.93
CA ALA A 158 -10.58 -11.24 3.26
C ALA A 158 -11.50 -12.46 3.26
N GLY A 159 -12.68 -12.30 2.66
CA GLY A 159 -13.67 -13.38 2.59
C GLY A 159 -13.08 -14.63 1.93
N HIS A 160 -12.56 -14.49 0.72
CA HIS A 160 -11.97 -15.65 0.03
C HIS A 160 -10.78 -16.28 0.77
N LEU A 161 -9.87 -15.47 1.29
CA LEU A 161 -8.70 -16.04 1.99
C LEU A 161 -9.07 -16.81 3.25
N THR A 162 -10.05 -16.31 4.00
CA THR A 162 -10.46 -17.04 5.21
C THR A 162 -11.05 -18.40 4.83
N ILE A 163 -11.83 -18.44 3.76
CA ILE A 163 -12.43 -19.69 3.33
C ILE A 163 -11.33 -20.62 2.82
N MET A 164 -10.42 -20.08 2.03
CA MET A 164 -9.35 -20.89 1.45
C MET A 164 -8.47 -21.56 2.49
N TYR A 165 -8.13 -20.83 3.56
CA TYR A 165 -7.26 -21.32 4.64
C TYR A 165 -7.96 -21.85 5.87
N GLY A 166 -9.29 -21.75 5.90
CA GLY A 166 -10.07 -22.20 7.05
C GLY A 166 -9.84 -21.30 8.27
N LEU A 167 -9.66 -19.99 8.04
CA LEU A 167 -9.40 -19.05 9.15
C LEU A 167 -10.74 -18.65 9.76
N ARG A 168 -10.90 -18.84 11.06
CA ARG A 168 -12.15 -18.52 11.74
C ARG A 168 -12.08 -17.33 12.65
N GLY A 169 -10.91 -16.74 12.80
CA GLY A 169 -10.75 -15.60 13.71
C GLY A 169 -11.35 -14.33 13.11
N PRO A 170 -11.08 -13.19 13.74
CA PRO A 170 -11.65 -11.91 13.27
C PRO A 170 -11.27 -11.57 11.85
N SER A 171 -12.24 -11.07 11.07
CA SER A 171 -11.96 -10.56 9.73
C SER A 171 -12.62 -9.20 9.58
N ILE A 172 -11.83 -8.21 9.17
CA ILE A 172 -12.34 -6.87 8.92
C ILE A 172 -11.72 -6.37 7.63
N SER A 173 -12.27 -5.29 7.09
CA SER A 173 -11.74 -4.71 5.87
C SER A 173 -11.90 -3.21 5.99
N ILE A 174 -10.78 -2.49 6.05
CA ILE A 174 -10.86 -1.02 6.15
C ILE A 174 -10.71 -0.43 4.77
N ALA A 175 -11.63 0.44 4.39
CA ALA A 175 -11.58 1.09 3.09
C ALA A 175 -11.50 2.60 3.37
N THR A 176 -10.27 3.12 3.36
CA THR A 176 -10.01 4.55 3.65
C THR A 176 -9.16 5.15 2.52
N ALA A 177 -9.55 4.85 1.29
CA ALA A 177 -8.85 5.34 0.12
C ALA A 177 -7.39 4.95 0.25
N ALA A 178 -6.49 5.89 -0.01
CA ALA A 178 -5.04 5.58 0.04
C ALA A 178 -4.52 5.27 1.43
N THR A 179 -5.31 5.48 2.47
CA THR A 179 -4.82 5.11 3.79
C THR A 179 -5.09 3.63 4.12
N SER A 180 -5.87 2.96 3.26
CA SER A 180 -6.32 1.60 3.56
C SER A 180 -5.25 0.61 4.05
N GLY A 181 -4.19 0.46 3.27
CA GLY A 181 -3.13 -0.49 3.58
C GLY A 181 -2.55 -0.31 4.96
N VAL A 182 -2.27 0.93 5.32
CA VAL A 182 -1.75 1.23 6.65
C VAL A 182 -2.77 0.96 7.76
N HIS A 183 -4.02 1.38 7.55
CA HIS A 183 -5.05 1.13 8.57
C HIS A 183 -5.31 -0.35 8.82
N ASN A 184 -5.39 -1.14 7.75
CA ASN A 184 -5.64 -2.59 7.88
C ASN A 184 -4.49 -3.26 8.64
N ILE A 185 -3.27 -2.91 8.28
CA ILE A 185 -2.09 -3.48 8.96
C ILE A 185 -2.07 -3.03 10.43
N GLY A 186 -2.30 -1.73 10.66
CA GLY A 186 -2.32 -1.18 12.02
C GLY A 186 -3.39 -1.83 12.90
N HIS A 187 -4.60 -1.96 12.38
CA HIS A 187 -5.66 -2.58 13.17
C HIS A 187 -5.55 -4.09 13.36
N ALA A 188 -4.89 -4.74 12.40
CA ALA A 188 -4.64 -6.18 12.57
C ALA A 188 -3.72 -6.32 13.77
N ALA A 189 -2.74 -5.41 13.88
CA ALA A 189 -1.80 -5.44 15.00
C ALA A 189 -2.53 -5.15 16.30
N ARG A 190 -3.46 -4.20 16.25
CA ARG A 190 -4.21 -3.85 17.47
C ARG A 190 -4.99 -5.05 17.96
N ILE A 191 -5.62 -5.74 17.01
CA ILE A 191 -6.44 -6.93 17.27
C ILE A 191 -5.61 -8.03 17.93
N ILE A 192 -4.39 -8.21 17.44
CA ILE A 192 -3.51 -9.23 18.02
C ILE A 192 -3.08 -8.79 19.42
N ALA A 193 -2.66 -7.53 19.54
CA ALA A 193 -2.17 -7.02 20.81
C ALA A 193 -3.26 -7.04 21.87
N TYR A 194 -4.49 -6.79 21.45
CA TYR A 194 -5.63 -6.77 22.35
C TYR A 194 -5.90 -8.19 22.87
N GLY A 195 -5.66 -9.20 22.04
CA GLY A 195 -5.88 -10.59 22.43
C GLY A 195 -6.93 -11.31 21.60
N ASP A 196 -7.52 -10.61 20.62
CA ASP A 196 -8.57 -11.22 19.78
C ASP A 196 -8.04 -12.20 18.72
N ALA A 197 -6.71 -12.22 18.54
CA ALA A 197 -6.10 -13.13 17.57
C ALA A 197 -4.63 -13.32 17.89
N ASP A 198 -4.02 -14.36 17.35
CA ASP A 198 -2.56 -14.55 17.55
C ASP A 198 -1.86 -14.29 16.21
N VAL A 199 -2.63 -14.38 15.12
CA VAL A 199 -2.10 -14.18 13.78
C VAL A 199 -3.14 -13.46 12.91
N MET A 200 -2.68 -12.57 12.04
CA MET A 200 -3.60 -11.92 11.09
C MET A 200 -2.87 -11.74 9.75
N VAL A 201 -3.55 -12.03 8.63
CA VAL A 201 -2.99 -11.73 7.31
C VAL A 201 -3.63 -10.35 7.01
N ALA A 202 -2.79 -9.34 6.74
CA ALA A 202 -3.31 -7.98 6.57
C ALA A 202 -2.73 -7.29 5.37
N GLY A 203 -3.48 -6.35 4.78
CA GLY A 203 -2.89 -5.63 3.65
C GLY A 203 -3.96 -4.98 2.81
N GLY A 204 -3.70 -4.88 1.51
CA GLY A 204 -4.66 -4.28 0.60
C GLY A 204 -4.43 -4.67 -0.83
N ALA A 205 -5.44 -4.46 -1.66
CA ALA A 205 -5.39 -4.82 -3.06
C ALA A 205 -6.17 -3.78 -3.85
N GLU A 206 -5.72 -3.52 -5.07
CA GLU A 206 -6.34 -2.53 -5.96
C GLU A 206 -6.07 -2.79 -7.45
N LYS A 207 -7.08 -2.53 -8.27
CA LYS A 207 -6.94 -2.61 -9.73
C LYS A 207 -7.88 -1.53 -10.32
N ALA A 208 -7.48 -0.27 -10.16
CA ALA A 208 -8.31 0.85 -10.57
C ALA A 208 -7.95 1.39 -11.98
N SER A 209 -7.10 0.65 -12.69
CA SER A 209 -6.71 1.07 -14.05
C SER A 209 -7.77 0.66 -15.08
N THR A 210 -8.93 1.28 -14.96
CA THR A 210 -10.08 1.00 -15.82
C THR A 210 -10.62 2.35 -16.31
N PRO A 211 -11.57 2.30 -17.25
CA PRO A 211 -12.18 3.55 -17.74
C PRO A 211 -12.66 4.47 -16.59
N LEU A 212 -13.39 3.94 -15.59
CA LEU A 212 -13.88 4.77 -14.48
C LEU A 212 -12.76 5.26 -13.55
N GLY A 213 -11.74 4.43 -13.34
CA GLY A 213 -10.62 4.78 -12.48
C GLY A 213 -9.76 5.88 -13.13
N VAL A 214 -9.32 5.63 -14.35
CA VAL A 214 -8.47 6.61 -15.06
C VAL A 214 -9.31 7.86 -15.42
N GLY A 215 -10.50 7.62 -15.94
CA GLY A 215 -11.37 8.72 -16.29
C GLY A 215 -11.81 9.50 -15.06
N GLY A 216 -12.08 8.80 -13.95
CA GLY A 216 -12.56 9.38 -12.69
C GLY A 216 -11.55 10.24 -11.96
N PHE A 217 -10.35 9.71 -11.79
CA PHE A 217 -9.31 10.48 -11.15
C PHE A 217 -8.85 11.58 -12.13
N GLY A 218 -8.94 11.33 -13.43
CA GLY A 218 -8.59 12.32 -14.45
C GLY A 218 -9.58 13.51 -14.39
N ALA A 219 -10.88 13.20 -14.21
CA ALA A 219 -11.91 14.24 -14.09
C ALA A 219 -11.64 15.16 -12.92
N ALA A 220 -11.01 14.62 -11.88
CA ALA A 220 -10.65 15.41 -10.72
C ALA A 220 -9.38 16.25 -10.89
N ARG A 221 -8.75 16.12 -12.05
CA ARG A 221 -7.48 16.85 -12.33
C ARG A 221 -6.39 16.43 -11.38
N ALA A 222 -6.45 15.17 -10.99
CA ALA A 222 -5.49 14.61 -10.03
C ALA A 222 -4.33 13.79 -10.63
N LEU A 223 -4.45 13.37 -11.88
CA LEU A 223 -3.45 12.53 -12.54
C LEU A 223 -2.48 13.31 -13.45
N SER A 224 -1.26 12.79 -13.53
CA SER A 224 -0.24 13.29 -14.44
C SER A 224 -0.76 12.96 -15.83
N THR A 225 -0.50 13.86 -16.76
CA THR A 225 -0.93 13.68 -18.12
C THR A 225 0.33 13.62 -19.05
N ARG A 226 1.47 13.21 -18.50
CA ARG A 226 2.73 13.14 -19.29
C ARG A 226 2.78 11.90 -20.18
N ASN A 227 1.90 11.83 -21.16
CA ASN A 227 1.81 10.68 -22.03
C ASN A 227 3.05 10.41 -22.88
N ASP A 228 3.80 11.46 -23.19
CA ASP A 228 5.01 11.34 -24.00
C ASP A 228 6.22 10.74 -23.28
N ASN A 229 6.12 10.61 -21.96
CA ASN A 229 7.19 10.02 -21.17
C ASN A 229 6.62 9.42 -19.87
N PRO A 230 5.87 8.32 -20.00
CA PRO A 230 5.24 7.72 -18.81
C PRO A 230 6.17 7.41 -17.65
N GLN A 231 7.41 6.95 -17.92
CA GLN A 231 8.31 6.63 -16.81
C GLN A 231 8.85 7.83 -16.05
N ALA A 232 8.73 9.02 -16.62
CA ALA A 232 9.22 10.24 -15.95
C ALA A 232 8.05 10.99 -15.31
N ALA A 233 6.83 10.51 -15.53
CA ALA A 233 5.60 11.18 -15.02
C ALA A 233 5.54 11.34 -13.49
N SER A 234 5.77 10.24 -12.77
CA SER A 234 5.70 10.26 -11.29
C SER A 234 7.03 10.81 -10.79
N ARG A 235 7.01 12.05 -10.30
CA ARG A 235 8.24 12.71 -9.88
C ARG A 235 8.01 13.52 -8.62
N PRO A 236 7.83 12.84 -7.48
CA PRO A 236 7.55 13.49 -6.20
C PRO A 236 8.58 14.56 -5.84
N TRP A 237 8.07 15.72 -5.39
CA TRP A 237 8.91 16.87 -4.98
C TRP A 237 9.65 17.59 -6.13
N ASP A 238 9.45 17.12 -7.35
CA ASP A 238 10.09 17.77 -8.52
C ASP A 238 9.21 18.93 -9.02
N LYS A 239 9.84 20.03 -9.42
CA LYS A 239 9.08 21.20 -9.87
C LYS A 239 8.14 20.98 -11.04
N GLU A 240 8.42 20.00 -11.88
CA GLU A 240 7.58 19.77 -13.04
C GLU A 240 6.45 18.75 -12.83
N ARG A 241 6.30 18.27 -11.60
CA ARG A 241 5.26 17.28 -11.29
C ARG A 241 3.88 17.81 -11.62
N ASP A 242 3.01 16.92 -12.07
CA ASP A 242 1.69 17.34 -12.47
C ASP A 242 0.57 16.37 -12.09
N GLY A 243 0.70 15.70 -10.95
CA GLY A 243 -0.34 14.77 -10.50
C GLY A 243 0.16 13.34 -10.34
N PHE A 244 -0.65 12.50 -9.70
CA PHE A 244 -0.21 11.14 -9.46
C PHE A 244 -0.38 10.17 -10.62
N VAL A 245 0.32 9.03 -10.53
CA VAL A 245 0.25 8.00 -11.55
C VAL A 245 -0.43 6.81 -10.87
N LEU A 246 -1.48 6.30 -11.48
CA LEU A 246 -2.20 5.17 -10.88
C LEU A 246 -1.38 3.89 -11.03
N GLY A 247 -1.33 3.07 -9.99
CA GLY A 247 -0.65 1.77 -9.98
C GLY A 247 -1.58 0.66 -9.45
N ASP A 248 -1.43 -0.55 -9.98
CA ASP A 248 -2.24 -1.72 -9.54
C ASP A 248 -1.35 -2.69 -8.76
N GLY A 249 -1.98 -3.52 -7.93
CA GLY A 249 -1.26 -4.55 -7.20
C GLY A 249 -1.83 -4.91 -5.85
N ALA A 250 -1.01 -5.54 -5.02
CA ALA A 250 -1.46 -5.92 -3.70
C ALA A 250 -0.26 -6.25 -2.82
N GLY A 251 -0.38 -5.95 -1.54
CA GLY A 251 0.67 -6.22 -0.57
C GLY A 251 0.00 -6.86 0.61
N MET A 252 0.60 -7.93 1.13
CA MET A 252 0.06 -8.64 2.30
C MET A 252 1.19 -9.04 3.25
N LEU A 253 0.91 -8.92 4.55
CA LEU A 253 1.86 -9.26 5.59
C LEU A 253 1.17 -10.23 6.55
N VAL A 254 1.92 -11.21 7.03
CA VAL A 254 1.35 -12.07 8.06
C VAL A 254 1.90 -11.41 9.34
N LEU A 255 0.99 -10.96 10.22
CA LEU A 255 1.36 -10.35 11.51
C LEU A 255 1.12 -11.43 12.55
N GLU A 256 1.93 -11.45 13.60
CA GLU A 256 1.82 -12.54 14.58
C GLU A 256 2.33 -12.13 15.96
N GLU A 257 1.68 -12.61 17.02
CA GLU A 257 2.10 -12.29 18.37
C GLU A 257 3.49 -12.93 18.56
N TYR A 258 4.38 -12.19 19.17
CA TYR A 258 5.78 -12.58 19.35
C TYR A 258 6.06 -13.97 19.92
N GLU A 259 5.53 -14.28 21.10
CA GLU A 259 5.79 -15.61 21.67
C GLU A 259 5.25 -16.74 20.81
N HIS A 260 4.15 -16.47 20.11
CA HIS A 260 3.54 -17.46 19.23
C HIS A 260 4.51 -17.72 18.08
N ALA A 261 5.10 -16.67 17.52
CA ALA A 261 6.01 -16.81 16.39
C ALA A 261 7.25 -17.62 16.80
N LYS A 262 7.84 -17.24 17.92
CA LYS A 262 9.06 -17.94 18.43
C LYS A 262 8.81 -19.42 18.70
N LYS A 263 7.70 -19.73 19.35
CA LYS A 263 7.37 -21.10 19.68
C LYS A 263 7.33 -22.05 18.50
N ARG A 264 6.89 -21.56 17.33
CA ARG A 264 6.81 -22.44 16.16
C ARG A 264 8.01 -22.28 15.25
N GLY A 265 9.01 -21.51 15.69
CA GLY A 265 10.22 -21.30 14.91
C GLY A 265 10.02 -20.45 13.65
N ALA A 266 9.10 -19.49 13.70
CA ALA A 266 8.85 -18.63 12.54
C ALA A 266 10.08 -17.80 12.18
N LYS A 267 10.17 -17.39 10.92
CA LYS A 267 11.25 -16.48 10.55
C LYS A 267 10.58 -15.11 10.80
N ILE A 268 11.33 -14.19 11.39
CA ILE A 268 10.79 -12.89 11.76
C ILE A 268 11.48 -11.78 11.00
N TYR A 269 10.72 -11.04 10.20
CA TYR A 269 11.29 -9.95 9.39
C TYR A 269 11.57 -8.67 10.18
N ALA A 270 10.65 -8.28 11.06
CA ALA A 270 10.76 -7.04 11.83
C ALA A 270 9.63 -7.05 12.84
N GLU A 271 9.59 -6.03 13.70
CA GLU A 271 8.53 -5.92 14.70
C GLU A 271 7.70 -4.67 14.32
N LEU A 272 6.38 -4.71 14.57
CA LEU A 272 5.51 -3.55 14.31
C LEU A 272 5.36 -2.90 15.69
N VAL A 273 5.97 -1.73 15.89
CA VAL A 273 5.98 -1.07 17.20
C VAL A 273 5.07 0.13 17.43
N GLY A 274 4.68 0.82 16.37
CA GLY A 274 3.85 2.02 16.49
C GLY A 274 2.85 2.17 15.35
N PHE A 275 1.68 2.71 15.69
CA PHE A 275 0.59 2.96 14.74
C PHE A 275 -0.11 4.25 15.17
N GLY A 276 -0.12 5.26 14.30
CA GLY A 276 -0.73 6.55 14.58
C GLY A 276 -1.78 6.90 13.53
N MET A 277 -2.82 7.59 13.95
CA MET A 277 -3.90 7.99 13.03
C MET A 277 -4.28 9.44 13.29
N SER A 278 -4.82 10.11 12.28
CA SER A 278 -5.33 11.48 12.46
C SER A 278 -6.23 11.83 11.29
N SER A 279 -6.85 13.02 11.38
CA SER A 279 -7.70 13.54 10.31
C SER A 279 -7.27 15.01 10.06
N ASP A 280 -7.24 15.44 8.80
CA ASP A 280 -6.85 16.81 8.47
C ASP A 280 -7.97 17.82 8.85
N ALA A 281 -9.23 17.41 8.72
CA ALA A 281 -10.41 18.27 8.96
C ALA A 281 -10.26 19.55 8.14
N TYR A 282 -9.79 19.39 6.91
CA TYR A 282 -9.54 20.52 6.02
C TYR A 282 -10.36 20.52 4.73
N HIS A 283 -10.09 19.57 3.86
CA HIS A 283 -10.79 19.55 2.55
C HIS A 283 -10.85 18.10 2.12
N MET A 284 -11.88 17.75 1.37
CA MET A 284 -12.06 16.36 0.95
C MET A 284 -10.96 15.76 0.07
N THR A 285 -10.36 16.58 -0.79
CA THR A 285 -9.36 16.05 -1.72
C THR A 285 -8.02 16.75 -1.74
N SER A 286 -7.69 17.50 -0.70
CA SER A 286 -6.39 18.17 -0.64
C SER A 286 -6.01 18.38 0.81
N PRO A 287 -4.70 18.33 1.13
CA PRO A 287 -4.27 18.51 2.51
C PRO A 287 -4.07 20.00 2.82
N PRO A 288 -4.01 20.38 4.10
CA PRO A 288 -3.73 21.80 4.42
C PRO A 288 -2.22 22.07 4.12
N GLU A 289 -1.87 23.32 3.80
CA GLU A 289 -0.47 23.64 3.46
C GLU A 289 0.51 23.24 4.55
N ASN A 290 0.02 23.40 5.77
CA ASN A 290 0.66 23.10 7.05
C ASN A 290 1.15 21.66 7.22
N GLY A 291 0.40 20.75 6.62
CA GLY A 291 0.61 19.32 6.78
C GLY A 291 0.34 18.94 8.24
N ALA A 292 -0.48 19.71 8.96
CA ALA A 292 -0.73 19.40 10.38
C ALA A 292 -1.27 18.00 10.63
N GLY A 293 -2.12 17.50 9.73
CA GLY A 293 -2.70 16.16 9.89
C GLY A 293 -1.60 15.09 9.75
N ALA A 294 -0.77 15.23 8.72
CA ALA A 294 0.32 14.30 8.50
C ALA A 294 1.21 14.28 9.73
N ALA A 295 1.53 15.48 10.22
CA ALA A 295 2.40 15.58 11.38
C ALA A 295 1.81 14.85 12.60
N LEU A 296 0.52 15.08 12.88
CA LEU A 296 -0.11 14.46 14.04
C LEU A 296 -0.06 12.92 13.93
N ALA A 297 -0.29 12.39 12.72
CA ALA A 297 -0.26 10.93 12.56
C ALA A 297 1.14 10.39 12.89
N MET A 298 2.18 11.07 12.41
CA MET A 298 3.56 10.62 12.70
C MET A 298 3.84 10.76 14.19
N ALA A 299 3.46 11.89 14.77
CA ALA A 299 3.64 12.11 16.21
C ALA A 299 2.96 10.99 17.01
N ASN A 300 1.74 10.64 16.61
CA ASN A 300 1.00 9.58 17.31
C ASN A 300 1.68 8.22 17.21
N ALA A 301 2.27 7.92 16.06
CA ALA A 301 2.94 6.64 15.89
C ALA A 301 4.19 6.62 16.76
N LEU A 302 4.92 7.73 16.78
CA LEU A 302 6.15 7.84 17.59
C LEU A 302 5.83 7.63 19.07
N ARG A 303 4.74 8.26 19.53
CA ARG A 303 4.33 8.11 20.91
C ARG A 303 3.87 6.68 21.20
N ASP A 304 3.17 6.07 20.25
CA ASP A 304 2.72 4.70 20.40
C ASP A 304 3.91 3.77 20.54
N ALA A 305 4.97 4.04 19.77
CA ALA A 305 6.20 3.22 19.80
C ALA A 305 7.12 3.58 20.99
N GLY A 306 6.89 4.72 21.62
CA GLY A 306 7.69 5.16 22.77
C GLY A 306 9.08 5.65 22.36
N ILE A 307 9.21 6.20 21.16
CA ILE A 307 10.51 6.66 20.67
C ILE A 307 10.43 8.11 20.18
N GLU A 308 11.58 8.69 19.95
CA GLU A 308 11.68 10.05 19.44
C GLU A 308 11.89 10.02 17.94
N ALA A 309 11.55 11.13 17.27
CA ALA A 309 11.70 11.27 15.83
C ALA A 309 13.14 10.96 15.37
N SER A 310 14.13 11.42 16.13
CA SER A 310 15.55 11.21 15.79
C SER A 310 15.97 9.77 15.64
N GLN A 311 15.16 8.86 16.16
CA GLN A 311 15.45 7.44 16.07
C GLN A 311 15.01 6.79 14.75
N ILE A 312 14.20 7.50 13.97
CA ILE A 312 13.76 6.98 12.69
C ILE A 312 14.84 7.17 11.64
N GLY A 313 15.23 6.10 10.96
CA GLY A 313 16.24 6.20 9.92
C GLY A 313 15.71 6.53 8.54
N TYR A 314 14.49 6.07 8.24
CA TYR A 314 13.90 6.25 6.91
C TYR A 314 12.39 6.36 6.99
N VAL A 315 11.85 7.27 6.19
CA VAL A 315 10.41 7.47 6.09
C VAL A 315 10.01 7.13 4.66
N ASN A 316 9.15 6.13 4.49
CA ASN A 316 8.65 5.85 3.16
C ASN A 316 7.40 6.74 3.09
N ALA A 317 7.52 7.82 2.34
CA ALA A 317 6.48 8.82 2.20
C ALA A 317 5.20 8.42 1.49
N HIS A 318 4.16 9.24 1.69
CA HIS A 318 2.93 9.04 0.95
C HIS A 318 3.28 9.55 -0.47
N GLY A 319 3.94 10.72 -0.56
CA GLY A 319 4.49 11.33 -1.78
C GLY A 319 3.99 10.86 -3.12
N THR A 320 2.79 11.30 -3.47
CA THR A 320 2.10 10.86 -4.69
C THR A 320 2.48 11.59 -5.97
N SER A 321 3.25 12.67 -5.87
CA SER A 321 3.60 13.46 -7.06
C SER A 321 2.54 14.51 -7.45
N THR A 322 1.83 15.05 -6.46
CA THR A 322 0.87 16.12 -6.73
C THR A 322 1.53 17.40 -6.21
N PRO A 323 1.19 18.54 -6.81
CA PRO A 323 1.85 19.77 -6.33
C PRO A 323 1.63 20.09 -4.87
N ALA A 324 0.38 20.10 -4.44
CA ALA A 324 0.11 20.43 -3.04
C ALA A 324 0.35 19.30 -2.07
N GLY A 325 0.06 18.07 -2.48
CA GLY A 325 0.25 16.96 -1.55
C GLY A 325 1.70 16.78 -1.13
N ASP A 326 2.60 16.77 -2.11
CA ASP A 326 4.03 16.58 -1.76
C ASP A 326 4.55 17.69 -0.84
N LYS A 327 4.13 18.93 -1.07
CA LYS A 327 4.58 20.04 -0.21
C LYS A 327 4.13 19.91 1.24
N ALA A 328 2.87 19.53 1.45
CA ALA A 328 2.35 19.39 2.81
C ALA A 328 3.10 18.35 3.61
N GLU A 329 3.43 17.22 2.99
CA GLU A 329 4.16 16.16 3.71
C GLU A 329 5.57 16.62 4.05
N ALA A 330 6.22 17.31 3.10
CA ALA A 330 7.57 17.85 3.38
C ALA A 330 7.46 18.80 4.59
N GLN A 331 6.43 19.63 4.64
CA GLN A 331 6.26 20.52 5.80
C GLN A 331 6.05 19.70 7.07
N ALA A 332 5.22 18.65 6.98
CA ALA A 332 5.00 17.78 8.14
C ALA A 332 6.28 17.11 8.66
N VAL A 333 7.09 16.59 7.74
CA VAL A 333 8.35 15.94 8.14
C VAL A 333 9.24 16.98 8.88
N LYS A 334 9.32 18.19 8.33
CA LYS A 334 10.12 19.23 8.99
C LYS A 334 9.63 19.52 10.39
N THR A 335 8.31 19.58 10.55
CA THR A 335 7.74 19.86 11.85
C THR A 335 8.09 18.78 12.87
N ILE A 336 7.95 17.52 12.46
CA ILE A 336 8.17 16.40 13.38
C ILE A 336 9.64 16.12 13.68
N PHE A 337 10.48 16.20 12.65
CA PHE A 337 11.88 15.86 12.80
C PHE A 337 12.78 17.02 13.20
N GLY A 338 12.28 18.25 13.05
CA GLY A 338 12.98 19.47 13.41
C GLY A 338 14.43 19.49 12.99
N GLU A 339 15.32 19.63 13.96
CA GLU A 339 16.76 19.65 13.70
C GLU A 339 17.23 18.37 13.01
N ALA A 340 16.61 17.23 13.32
CA ALA A 340 17.00 15.98 12.68
C ALA A 340 16.44 15.87 11.25
N ALA A 341 15.48 16.73 10.92
CA ALA A 341 14.83 16.72 9.61
C ALA A 341 15.75 16.46 8.41
N SER A 342 16.94 17.05 8.41
CA SER A 342 17.87 16.84 7.30
C SER A 342 18.61 15.48 7.35
N ARG A 343 18.69 14.90 8.55
CA ARG A 343 19.37 13.61 8.77
C ARG A 343 18.56 12.31 8.47
N VAL A 344 17.23 12.37 8.54
CA VAL A 344 16.41 11.18 8.25
C VAL A 344 16.35 11.09 6.72
N LEU A 345 16.25 9.87 6.16
CA LEU A 345 16.13 9.74 4.71
C LEU A 345 14.62 9.66 4.45
N VAL A 346 14.16 10.29 3.37
CA VAL A 346 12.74 10.25 3.02
C VAL A 346 12.64 9.85 1.57
N SER A 347 11.84 8.86 1.21
CA SER A 347 11.72 8.59 -0.20
C SER A 347 10.31 8.17 -0.57
N SER A 348 9.93 8.43 -1.82
CA SER A 348 8.64 7.97 -2.28
C SER A 348 8.87 6.94 -3.37
N THR A 349 8.53 5.68 -3.07
CA THR A 349 8.66 4.62 -4.05
C THR A 349 7.59 4.73 -5.12
N LYS A 350 6.62 5.64 -4.92
CA LYS A 350 5.60 5.85 -5.95
C LYS A 350 6.27 6.42 -7.22
N SER A 351 7.47 6.97 -7.08
CA SER A 351 8.19 7.46 -8.26
C SER A 351 8.43 6.34 -9.29
N MET A 352 8.44 5.08 -8.83
CA MET A 352 8.66 3.94 -9.73
C MET A 352 7.44 3.05 -9.93
N THR A 353 6.69 2.91 -8.86
CA THR A 353 5.56 2.00 -8.79
C THR A 353 4.20 2.66 -9.18
N GLY A 354 4.10 3.96 -9.00
CA GLY A 354 2.84 4.67 -9.18
C GLY A 354 2.10 4.52 -7.86
N HIS A 355 0.88 5.03 -7.80
CA HIS A 355 0.06 5.04 -6.59
C HIS A 355 -0.91 3.84 -6.57
N LEU A 356 -0.65 2.87 -5.69
CA LEU A 356 -1.48 1.65 -5.60
C LEU A 356 -2.72 1.85 -4.76
N LEU A 357 -2.99 3.11 -4.41
CA LEU A 357 -4.22 3.45 -3.66
C LEU A 357 -4.42 2.61 -2.38
N GLY A 358 -5.49 1.82 -2.34
CA GLY A 358 -5.75 1.02 -1.15
C GLY A 358 -4.67 -0.03 -0.84
N ALA A 359 -3.82 -0.32 -1.82
CA ALA A 359 -2.72 -1.28 -1.63
C ALA A 359 -1.41 -0.51 -1.38
N ALA A 360 -1.39 0.81 -1.62
CA ALA A 360 -0.13 1.55 -1.45
C ALA A 360 0.52 1.37 -0.07
N GLY A 361 -0.25 1.54 1.00
CA GLY A 361 0.32 1.44 2.36
C GLY A 361 0.77 0.03 2.71
N ALA A 362 0.22 -0.97 2.01
CA ALA A 362 0.58 -2.36 2.24
C ALA A 362 1.93 -2.68 1.58
N VAL A 363 2.07 -2.36 0.30
CA VAL A 363 3.35 -2.62 -0.37
C VAL A 363 4.43 -1.73 0.25
N GLU A 364 4.08 -0.50 0.62
CA GLU A 364 5.06 0.42 1.18
C GLU A 364 5.48 0.02 2.59
N SER A 365 4.64 -0.72 3.29
CA SER A 365 5.02 -1.21 4.62
C SER A 365 6.04 -2.31 4.37
N ILE A 366 5.83 -3.07 3.31
CA ILE A 366 6.78 -4.14 2.99
C ILE A 366 8.15 -3.50 2.66
N TYR A 367 8.14 -2.41 1.89
CA TYR A 367 9.39 -1.72 1.53
C TYR A 367 10.11 -1.22 2.78
N SER A 368 9.32 -0.71 3.73
CA SER A 368 9.83 -0.18 4.99
C SER A 368 10.49 -1.28 5.85
N ILE A 369 9.98 -2.50 5.71
CA ILE A 369 10.47 -3.65 6.47
C ILE A 369 11.76 -4.16 5.83
N LEU A 370 11.76 -4.31 4.51
CA LEU A 370 12.94 -4.80 3.79
C LEU A 370 14.11 -3.82 3.91
N ALA A 371 13.79 -2.53 4.03
CA ALA A 371 14.86 -1.53 4.19
C ALA A 371 15.63 -1.85 5.50
N LEU A 372 14.92 -2.32 6.50
CA LEU A 372 15.54 -2.70 7.78
C LEU A 372 16.38 -3.97 7.60
N ARG A 373 15.83 -4.97 6.92
CA ARG A 373 16.59 -6.19 6.70
C ARG A 373 17.88 -5.97 5.92
N ASP A 374 17.78 -5.22 4.83
CA ASP A 374 18.91 -5.00 3.93
C ASP A 374 19.75 -3.74 4.17
N GLN A 375 19.33 -2.91 5.13
CA GLN A 375 19.99 -1.64 5.42
C GLN A 375 20.28 -0.91 4.12
N ALA A 376 19.24 -0.81 3.29
CA ALA A 376 19.33 -0.14 2.00
C ALA A 376 17.97 0.54 1.79
N VAL A 377 18.01 1.75 1.24
CA VAL A 377 16.81 2.57 1.03
C VAL A 377 16.62 2.90 -0.44
N PRO A 378 15.43 2.59 -0.99
CA PRO A 378 15.12 2.84 -2.39
C PRO A 378 14.97 4.33 -2.61
N PRO A 379 15.26 4.80 -3.83
CA PRO A 379 15.27 6.22 -4.15
C PRO A 379 13.95 6.82 -4.58
N THR A 380 13.92 8.15 -4.63
CA THR A 380 12.80 8.84 -5.25
C THR A 380 13.41 9.10 -6.65
N ILE A 381 13.03 8.34 -7.67
CA ILE A 381 13.60 8.59 -9.00
C ILE A 381 12.92 9.83 -9.60
N ASN A 382 13.48 10.37 -10.69
CA ASN A 382 12.91 11.54 -11.39
C ASN A 382 12.97 12.88 -10.67
N LEU A 383 13.61 12.93 -9.52
CA LEU A 383 13.72 14.16 -8.74
C LEU A 383 14.85 15.04 -9.30
N ASP A 384 14.64 15.48 -10.53
CA ASP A 384 15.60 16.30 -11.26
C ASP A 384 15.83 17.71 -10.71
N ASN A 385 14.74 18.39 -10.38
CA ASN A 385 14.77 19.77 -9.88
C ASN A 385 13.77 19.93 -8.72
N PRO A 386 14.22 19.62 -7.50
CA PRO A 386 13.41 19.69 -6.28
C PRO A 386 12.86 21.09 -6.01
N ASP A 387 11.68 21.15 -5.39
CA ASP A 387 11.07 22.42 -5.02
C ASP A 387 12.17 23.15 -4.24
N GLU A 388 12.19 24.48 -4.38
CA GLU A 388 13.20 25.31 -3.75
C GLU A 388 13.67 25.07 -2.32
N GLY A 389 13.23 25.96 -1.44
CA GLY A 389 13.57 26.01 -0.02
C GLY A 389 13.24 24.90 0.95
N CYS A 390 13.63 23.68 0.60
CA CYS A 390 13.39 22.53 1.47
C CYS A 390 14.70 21.77 1.56
N ASP A 391 15.17 21.55 2.78
CA ASP A 391 16.44 20.86 2.96
C ASP A 391 16.37 19.38 3.29
N LEU A 392 15.27 18.73 2.93
CA LEU A 392 15.13 17.29 3.20
C LEU A 392 15.93 16.44 2.23
N ASP A 393 16.35 15.26 2.68
CA ASP A 393 17.09 14.33 1.84
C ASP A 393 16.05 13.34 1.31
N PHE A 394 15.61 13.52 0.08
CA PHE A 394 14.59 12.65 -0.50
C PHE A 394 15.18 11.45 -1.24
N VAL A 395 16.43 11.13 -0.95
CA VAL A 395 17.12 10.01 -1.62
C VAL A 395 16.94 10.08 -3.13
N PRO A 396 17.24 11.24 -3.73
CA PRO A 396 17.03 11.35 -5.17
C PRO A 396 17.83 10.38 -6.04
N HIS A 397 17.17 9.87 -7.08
CA HIS A 397 17.81 9.03 -8.09
C HIS A 397 18.34 7.64 -7.78
N GLU A 398 19.18 7.53 -6.77
CA GLU A 398 19.87 6.29 -6.45
C GLU A 398 19.60 5.81 -5.02
N ALA A 399 19.54 4.49 -4.85
CA ALA A 399 19.34 3.87 -3.54
C ALA A 399 20.51 4.26 -2.65
N ARG A 400 20.28 4.26 -1.33
CA ARG A 400 21.29 4.66 -0.38
C ARG A 400 21.61 3.52 0.59
N GLN A 401 22.89 3.33 0.89
CA GLN A 401 23.33 2.32 1.88
C GLN A 401 23.15 2.98 3.24
N VAL A 402 22.60 2.29 4.23
CA VAL A 402 22.52 2.89 5.58
C VAL A 402 23.26 1.96 6.54
N SER A 403 23.53 2.44 7.73
CA SER A 403 24.28 1.65 8.67
C SER A 403 23.62 1.14 9.97
N GLY A 404 23.30 1.97 10.91
CA GLY A 404 22.73 1.29 12.08
C GLY A 404 21.27 1.63 12.26
N MET A 405 20.52 1.42 11.17
CA MET A 405 19.10 1.77 11.16
C MET A 405 18.26 0.75 11.90
N GLU A 406 17.57 1.21 12.95
CA GLU A 406 16.73 0.35 13.77
C GLU A 406 15.23 0.55 13.59
N TYR A 407 14.81 1.69 13.03
CA TYR A 407 13.39 2.01 12.85
C TYR A 407 13.09 2.64 11.50
N THR A 408 11.94 2.28 10.92
CA THR A 408 11.46 2.89 9.67
C THR A 408 10.02 3.31 9.92
N LEU A 409 9.56 4.30 9.15
CA LEU A 409 8.21 4.80 9.32
C LEU A 409 7.56 4.87 7.96
N CYS A 410 6.32 4.40 7.85
CA CYS A 410 5.61 4.41 6.57
C CYS A 410 4.36 5.27 6.69
N ASN A 411 4.24 6.29 5.82
CA ASN A 411 3.07 7.18 5.80
C ASN A 411 2.12 6.82 4.65
N SER A 412 0.82 6.97 4.90
CA SER A 412 -0.21 6.78 3.89
C SER A 412 -1.36 7.75 4.25
N PHE A 413 -1.75 8.60 3.30
CA PHE A 413 -2.81 9.59 3.56
C PHE A 413 -3.91 9.37 2.55
N GLY A 414 -5.12 9.81 2.88
CA GLY A 414 -6.19 9.49 1.95
C GLY A 414 -7.26 10.55 1.80
N PHE A 415 -7.97 10.46 0.68
CA PHE A 415 -9.09 11.40 0.41
C PHE A 415 -9.95 11.39 1.67
N GLY A 416 -10.52 12.54 2.02
CA GLY A 416 -11.30 12.61 3.24
C GLY A 416 -10.43 13.11 4.38
N GLY A 417 -9.15 13.34 4.06
CA GLY A 417 -8.19 13.82 5.05
C GLY A 417 -7.81 12.81 6.13
N THR A 418 -7.95 11.52 5.83
CA THR A 418 -7.65 10.48 6.82
C THR A 418 -6.18 10.04 6.66
N ASN A 419 -5.45 10.06 7.77
CA ASN A 419 -4.01 9.77 7.75
C ASN A 419 -3.60 8.61 8.64
N GLY A 420 -2.50 7.96 8.25
CA GLY A 420 -2.01 6.87 9.06
C GLY A 420 -0.50 6.73 8.92
N SER A 421 0.15 6.29 9.99
CA SER A 421 1.62 6.10 9.98
C SER A 421 1.92 4.82 10.76
N LEU A 422 2.86 4.00 10.27
CA LEU A 422 3.28 2.78 10.97
C LEU A 422 4.79 2.87 11.20
N ILE A 423 5.26 2.30 12.31
CA ILE A 423 6.71 2.30 12.60
C ILE A 423 7.11 0.85 12.82
N PHE A 424 8.12 0.39 12.06
CA PHE A 424 8.65 -0.97 12.17
C PHE A 424 10.02 -0.89 12.83
N LYS A 425 10.38 -1.92 13.59
CA LYS A 425 11.66 -1.93 14.31
C LYS A 425 12.43 -3.18 13.95
N LYS A 426 13.74 -3.00 13.74
CA LYS A 426 14.58 -4.14 13.36
C LYS A 426 14.61 -5.15 14.48
N ILE A 427 14.45 -6.42 14.11
CA ILE A 427 14.51 -7.55 15.04
C ILE A 427 13.67 -7.54 16.30
#